data_3ZZZ
#
_entry.id   3ZZZ
#
_cell.length_a   74.480
_cell.length_b   60.380
_cell.length_c   61.060
_cell.angle_alpha   90.00
_cell.angle_beta   107.86
_cell.angle_gamma   90.00
#
_symmetry.space_group_name_H-M   'C 1 2 1'
#
loop_
_entity.id
_entity.type
_entity.pdbx_description
1 polymer 'POLYPYRIMIDINE TRACT-BINDING PROTEIN 1'
2 polymer 'RIBONUCLEOPROTEIN PTB-BINDING 1'
3 non-polymer 'IODIDE ION'
4 water water
#
loop_
_entity_poly.entity_id
_entity_poly.type
_entity_poly.pdbx_seq_one_letter_code
_entity_poly.pdbx_strand_id
1 'polypeptide(L)'
;SVQSGNLALAASAAAVDAGMAMAGQSPVLRIIVENLFYPVTLDVLHQIFSKFGTVLKIITFTKNNQFQALLQYADPVSAQ
HAKLSLDGQNIYNACCTLRIDFSKLTSLNVKYNNDKSRDYTRPDLPSGDS
;
A,B
2 'polypeptide(L)' GAMGSSEGLLGLGPGP C,D
#
loop_
_chem_comp.id
_chem_comp.type
_chem_comp.name
_chem_comp.formula
IOD non-polymer 'IODIDE ION' 'I -1'
#
# COMPACT_ATOMS: atom_id res chain seq x y z
N GLN A 25 -13.80 -13.44 -23.06
CA GLN A 25 -13.26 -13.59 -21.72
C GLN A 25 -12.35 -12.41 -21.37
N SER A 26 -12.69 -11.71 -20.29
CA SER A 26 -11.90 -10.57 -19.87
C SER A 26 -10.89 -10.94 -18.79
N PRO A 27 -9.69 -10.34 -18.87
CA PRO A 27 -8.63 -10.60 -17.90
C PRO A 27 -8.74 -9.65 -16.72
N VAL A 28 -9.77 -8.80 -16.73
CA VAL A 28 -9.98 -7.84 -15.65
C VAL A 28 -11.17 -8.22 -14.79
N LEU A 29 -10.95 -8.25 -13.49
CA LEU A 29 -11.98 -8.57 -12.52
C LEU A 29 -12.40 -7.33 -11.74
N ARG A 30 -13.69 -7.25 -11.42
CA ARG A 30 -14.20 -6.16 -10.60
C ARG A 30 -14.42 -6.86 -9.27
N ILE A 31 -13.86 -6.29 -8.22
CA ILE A 31 -13.93 -6.86 -6.88
C ILE A 31 -14.56 -5.91 -5.86
N ILE A 32 -15.39 -6.47 -4.99
CA ILE A 32 -15.97 -5.69 -3.91
C ILE A 32 -15.62 -6.48 -2.65
N VAL A 33 -15.14 -5.81 -1.62
CA VAL A 33 -14.82 -6.49 -0.37
C VAL A 33 -15.85 -6.02 0.64
N GLU A 34 -16.79 -6.90 0.97
CA GLU A 34 -17.84 -6.55 1.93
C GLU A 34 -17.43 -6.91 3.34
N ASN A 35 -18.20 -6.41 4.31
CA ASN A 35 -17.93 -6.67 5.73
C ASN A 35 -16.48 -6.32 6.04
N LEU A 36 -16.08 -5.11 5.68
CA LEU A 36 -14.70 -4.64 5.87
C LEU A 36 -14.43 -4.28 7.33
N PHE A 37 -14.23 -5.31 8.15
CA PHE A 37 -13.99 -5.12 9.57
C PHE A 37 -12.52 -5.06 9.95
N TYR A 38 -11.67 -5.11 8.94
CA TYR A 38 -10.22 -5.00 9.12
C TYR A 38 -9.75 -4.44 7.78
N PRO A 39 -8.76 -3.55 7.80
CA PRO A 39 -8.24 -2.96 6.57
C PRO A 39 -7.67 -3.97 5.59
N VAL A 40 -8.02 -3.80 4.32
CA VAL A 40 -7.52 -4.66 3.27
C VAL A 40 -6.72 -3.77 2.33
N THR A 41 -5.42 -4.04 2.23
CA THR A 41 -4.57 -3.23 1.37
C THR A 41 -4.48 -3.79 -0.03
N LEU A 42 -4.03 -2.95 -0.94
CA LEU A 42 -3.87 -3.34 -2.34
C LEU A 42 -2.89 -4.51 -2.39
N ASP A 43 -1.85 -4.43 -1.57
CA ASP A 43 -0.84 -5.47 -1.53
C ASP A 43 -1.37 -6.83 -1.06
N VAL A 44 -2.36 -6.82 -0.17
CA VAL A 44 -2.95 -8.08 0.28
C VAL A 44 -3.78 -8.67 -0.87
N LEU A 45 -4.44 -7.81 -1.65
CA LEU A 45 -5.19 -8.31 -2.79
C LEU A 45 -4.21 -8.94 -3.77
N HIS A 46 -3.04 -8.31 -3.94
CA HIS A 46 -2.05 -8.84 -4.86
C HIS A 46 -1.60 -10.22 -4.39
N GLN A 47 -1.36 -10.36 -3.09
CA GLN A 47 -0.92 -11.63 -2.53
C GLN A 47 -1.91 -12.76 -2.80
N ILE A 48 -3.19 -12.50 -2.51
CA ILE A 48 -4.24 -13.49 -2.70
C ILE A 48 -4.49 -13.84 -4.16
N PHE A 49 -4.59 -12.84 -5.02
CA PHE A 49 -4.86 -13.12 -6.43
C PHE A 49 -3.66 -13.63 -7.20
N SER A 50 -2.45 -13.40 -6.69
CA SER A 50 -1.24 -13.88 -7.38
C SER A 50 -1.14 -15.40 -7.40
N LYS A 51 -1.92 -16.05 -6.53
CA LYS A 51 -1.92 -17.51 -6.47
C LYS A 51 -2.47 -18.10 -7.77
N PHE A 52 -3.32 -17.35 -8.46
CA PHE A 52 -3.94 -17.81 -9.69
C PHE A 52 -3.37 -17.28 -11.01
N GLY A 53 -2.40 -16.38 -10.93
CA GLY A 53 -1.84 -15.85 -12.15
C GLY A 53 -0.96 -14.65 -11.92
N THR A 54 -0.48 -14.07 -13.00
CA THR A 54 0.36 -12.90 -12.93
C THR A 54 -0.51 -11.67 -12.90
N VAL A 55 -0.45 -10.95 -11.79
CA VAL A 55 -1.23 -9.72 -11.64
C VAL A 55 -0.45 -8.57 -12.24
N LEU A 56 -1.02 -7.91 -13.25
CA LEU A 56 -0.34 -6.81 -13.92
C LEU A 56 -0.63 -5.44 -13.30
N LYS A 57 -1.88 -5.21 -12.93
CA LYS A 57 -2.27 -3.93 -12.35
C LYS A 57 -3.43 -4.07 -11.39
N ILE A 58 -3.50 -3.17 -10.42
CA ILE A 58 -4.60 -3.13 -9.46
C ILE A 58 -4.92 -1.68 -9.13
N ILE A 59 -6.20 -1.37 -9.04
CA ILE A 59 -6.62 -0.03 -8.65
C ILE A 59 -7.75 -0.22 -7.66
N THR A 60 -7.68 0.47 -6.53
CA THR A 60 -8.73 0.35 -5.52
C THR A 60 -9.44 1.69 -5.42
N PHE A 61 -10.69 1.65 -4.98
CA PHE A 61 -11.48 2.86 -4.85
C PHE A 61 -12.72 2.60 -4.01
N THR A 62 -13.43 3.68 -3.70
CA THR A 62 -14.64 3.58 -2.91
C THR A 62 -15.82 4.05 -3.75
N LYS A 63 -16.86 3.23 -3.81
CA LYS A 63 -18.06 3.55 -4.57
C LYS A 63 -19.25 2.87 -3.90
N ASN A 64 -20.40 3.53 -3.95
CA ASN A 64 -21.62 2.99 -3.33
C ASN A 64 -21.33 2.63 -1.87
N ASN A 65 -20.43 3.38 -1.26
CA ASN A 65 -20.05 3.18 0.13
C ASN A 65 -19.47 1.78 0.35
N GLN A 66 -18.68 1.31 -0.60
CA GLN A 66 -18.04 0.00 -0.51
C GLN A 66 -16.63 0.04 -1.07
N PHE A 67 -15.74 -0.73 -0.47
CA PHE A 67 -14.36 -0.83 -0.92
C PHE A 67 -14.39 -1.71 -2.16
N GLN A 68 -13.82 -1.21 -3.25
CA GLN A 68 -13.81 -1.96 -4.50
C GLN A 68 -12.46 -1.89 -5.17
N ALA A 69 -12.26 -2.77 -6.15
CA ALA A 69 -11.02 -2.80 -6.88
C ALA A 69 -11.20 -3.38 -8.27
N LEU A 70 -10.28 -2.99 -9.15
CA LEU A 70 -10.25 -3.52 -10.50
C LEU A 70 -8.86 -4.18 -10.53
N LEU A 71 -8.79 -5.41 -11.00
CA LEU A 71 -7.53 -6.13 -11.03
C LEU A 71 -7.34 -6.80 -12.37
N GLN A 72 -6.17 -6.60 -12.97
CA GLN A 72 -5.87 -7.15 -14.27
C GLN A 72 -4.83 -8.25 -14.27
N TYR A 73 -5.22 -9.41 -14.81
CA TYR A 73 -4.34 -10.56 -14.96
C TYR A 73 -3.82 -10.53 -16.38
N ALA A 74 -2.74 -11.25 -16.65
CA ALA A 74 -2.22 -11.32 -18.00
C ALA A 74 -3.06 -12.31 -18.81
N ASP A 75 -3.62 -13.29 -18.11
CA ASP A 75 -4.39 -14.36 -18.73
C ASP A 75 -5.86 -14.38 -18.31
N PRO A 76 -6.79 -14.30 -19.27
CA PRO A 76 -8.23 -14.32 -18.95
C PRO A 76 -8.60 -15.59 -18.17
N VAL A 77 -7.89 -16.68 -18.40
CA VAL A 77 -8.18 -17.93 -17.70
C VAL A 77 -7.84 -17.79 -16.22
N SER A 78 -6.82 -17.00 -15.92
CA SER A 78 -6.44 -16.78 -14.53
C SER A 78 -7.57 -16.04 -13.85
N ALA A 79 -8.16 -15.08 -14.56
CA ALA A 79 -9.27 -14.30 -14.02
C ALA A 79 -10.44 -15.23 -13.73
N GLN A 80 -10.74 -16.10 -14.68
CA GLN A 80 -11.83 -17.05 -14.52
C GLN A 80 -11.57 -17.97 -13.32
N HIS A 81 -10.34 -18.46 -13.22
CA HIS A 81 -9.94 -19.34 -12.14
C HIS A 81 -10.07 -18.68 -10.78
N ALA A 82 -9.62 -17.43 -10.69
CA ALA A 82 -9.68 -16.68 -9.42
C ALA A 82 -11.14 -16.44 -9.02
N LYS A 83 -11.98 -16.11 -10.00
CA LYS A 83 -13.38 -15.86 -9.71
C LYS A 83 -14.04 -17.13 -9.16
N LEU A 84 -13.80 -18.26 -9.80
CA LEU A 84 -14.37 -19.51 -9.34
C LEU A 84 -13.89 -19.90 -7.95
N SER A 85 -12.59 -19.72 -7.71
CA SER A 85 -11.99 -20.10 -6.44
C SER A 85 -12.19 -19.14 -5.27
N LEU A 86 -12.23 -17.85 -5.55
CA LEU A 86 -12.32 -16.84 -4.50
C LEU A 86 -13.65 -16.14 -4.25
N ASP A 87 -14.58 -16.21 -5.20
CA ASP A 87 -15.85 -15.53 -5.01
C ASP A 87 -16.56 -16.05 -3.75
N GLY A 88 -16.95 -15.11 -2.89
CA GLY A 88 -17.63 -15.46 -1.65
C GLY A 88 -16.72 -15.84 -0.49
N GLN A 89 -15.42 -15.83 -0.73
CA GLN A 89 -14.43 -16.19 0.29
C GLN A 89 -14.01 -15.01 1.17
N ASN A 90 -13.80 -15.26 2.46
CA ASN A 90 -13.36 -14.22 3.37
C ASN A 90 -11.83 -14.12 3.35
N ILE A 91 -11.30 -12.90 3.30
CA ILE A 91 -9.86 -12.70 3.28
C ILE A 91 -9.28 -13.06 4.63
N TYR A 92 -9.96 -12.64 5.69
CA TYR A 92 -9.55 -12.94 7.06
C TYR A 92 -10.73 -13.56 7.79
N ASN A 93 -10.45 -14.23 8.90
CA ASN A 93 -11.51 -14.84 9.69
C ASN A 93 -12.64 -13.85 10.00
N ALA A 94 -13.86 -14.25 9.67
CA ALA A 94 -15.06 -13.46 9.94
C ALA A 94 -15.17 -12.06 9.34
N CYS A 95 -14.52 -11.81 8.20
CA CYS A 95 -14.65 -10.49 7.58
C CYS A 95 -14.10 -10.48 6.19
N CYS A 96 -14.29 -9.33 5.56
CA CYS A 96 -13.67 -9.07 4.29
C CYS A 96 -13.97 -10.12 3.21
N THR A 97 -15.26 -10.22 2.89
CA THR A 97 -15.77 -11.16 1.90
C THR A 97 -15.62 -10.66 0.47
N LEU A 98 -14.96 -11.46 -0.36
CA LEU A 98 -14.76 -11.10 -1.75
C LEU A 98 -15.98 -11.39 -2.60
N ARG A 99 -16.37 -10.41 -3.41
CA ARG A 99 -17.50 -10.53 -4.34
C ARG A 99 -16.79 -10.22 -5.65
N ILE A 100 -16.76 -11.18 -6.56
CA ILE A 100 -16.03 -11.04 -7.81
C ILE A 100 -16.82 -11.25 -9.07
N ASP A 101 -16.63 -10.35 -10.03
CA ASP A 101 -17.29 -10.46 -11.33
C ASP A 101 -16.31 -10.02 -12.40
N PHE A 102 -16.62 -10.32 -13.66
CA PHE A 102 -15.74 -9.92 -14.75
C PHE A 102 -16.05 -8.49 -15.15
N SER A 103 -15.02 -7.75 -15.54
CA SER A 103 -15.19 -6.37 -16.00
C SER A 103 -15.19 -6.40 -17.52
N LYS A 104 -15.86 -5.42 -18.15
CA LYS A 104 -15.86 -5.37 -19.60
C LYS A 104 -14.60 -4.65 -20.09
N LEU A 105 -13.86 -4.06 -19.15
CA LEU A 105 -12.62 -3.37 -19.49
C LEU A 105 -11.65 -4.44 -19.99
N THR A 106 -10.95 -4.16 -21.08
CA THR A 106 -10.01 -5.12 -21.63
C THR A 106 -8.63 -5.00 -20.99
N SER A 107 -8.40 -3.89 -20.29
CA SER A 107 -7.15 -3.62 -19.61
C SER A 107 -7.38 -2.45 -18.65
N LEU A 108 -6.36 -2.11 -17.86
CA LEU A 108 -6.46 -1.01 -16.93
C LEU A 108 -5.37 0.02 -17.16
N ASN A 109 -5.72 1.29 -16.93
CA ASN A 109 -4.76 2.38 -17.05
C ASN A 109 -4.46 2.88 -15.64
N VAL A 110 -3.20 2.74 -15.23
CA VAL A 110 -2.77 3.20 -13.92
C VAL A 110 -1.80 4.37 -14.10
N LYS A 111 -2.07 5.46 -13.39
CA LYS A 111 -1.22 6.66 -13.50
C LYS A 111 -0.15 6.71 -12.41
N TYR A 112 -0.45 6.15 -11.25
CA TYR A 112 0.48 6.19 -10.13
C TYR A 112 0.66 4.87 -9.40
N ASN A 113 1.81 4.77 -8.73
CA ASN A 113 2.13 3.61 -7.91
C ASN A 113 2.10 4.12 -6.47
N ASN A 114 1.07 3.74 -5.74
CA ASN A 114 0.94 4.14 -4.35
C ASN A 114 0.05 3.16 -3.59
N ASP A 115 -0.60 3.65 -2.54
CA ASP A 115 -1.46 2.79 -1.72
C ASP A 115 -2.79 2.47 -2.38
N LYS A 116 -3.15 3.25 -3.41
CA LYS A 116 -4.43 3.05 -4.09
C LYS A 116 -4.36 2.44 -5.48
N SER A 117 -3.19 2.48 -6.11
CA SER A 117 -3.08 1.89 -7.43
C SER A 117 -1.66 1.37 -7.64
N ARG A 118 -1.52 0.43 -8.58
CA ARG A 118 -0.21 -0.12 -8.82
C ARG A 118 -0.17 -0.77 -10.20
N ASP A 119 0.90 -0.48 -10.93
CA ASP A 119 1.11 -1.09 -12.24
C ASP A 119 2.40 -1.86 -12.03
N TYR A 120 2.27 -3.18 -11.90
CA TYR A 120 3.42 -4.04 -11.65
C TYR A 120 4.36 -4.16 -12.84
N THR A 121 3.96 -3.60 -13.98
CA THR A 121 4.81 -3.65 -15.17
C THR A 121 5.50 -2.31 -15.42
N ARG A 122 5.19 -1.30 -14.61
CA ARG A 122 5.79 0.03 -14.75
C ARG A 122 6.26 0.62 -13.43
N PRO A 123 7.47 0.22 -12.97
CA PRO A 123 8.05 0.70 -11.71
C PRO A 123 8.49 2.16 -11.74
N ASP A 124 8.39 2.77 -12.91
CA ASP A 124 8.79 4.15 -13.12
C ASP A 124 7.73 5.20 -12.82
N LEU A 125 6.49 4.78 -12.61
CA LEU A 125 5.41 5.72 -12.35
C LEU A 125 5.58 6.52 -11.05
N PRO A 126 5.11 7.78 -11.05
CA PRO A 126 5.23 8.61 -9.85
C PRO A 126 4.20 8.11 -8.84
N SER A 127 4.30 8.58 -7.60
CA SER A 127 3.36 8.16 -6.56
C SER A 127 2.16 9.09 -6.45
N GLY A 128 2.18 10.19 -7.21
CA GLY A 128 1.08 11.13 -7.17
C GLY A 128 1.37 12.38 -7.99
N ASP A 129 0.32 13.12 -8.32
CA ASP A 129 0.44 14.35 -9.10
C ASP A 129 1.21 14.12 -10.39
N GLN B 25 15.17 -9.67 7.76
CA GLN B 25 15.63 -8.83 8.85
C GLN B 25 14.48 -8.01 9.45
N SER B 26 14.75 -6.74 9.73
CA SER B 26 13.74 -5.86 10.32
C SER B 26 12.81 -5.26 9.28
N PRO B 27 11.51 -5.15 9.61
CA PRO B 27 10.51 -4.58 8.72
C PRO B 27 10.33 -3.09 8.99
N VAL B 28 11.12 -2.55 9.93
CA VAL B 28 11.03 -1.15 10.30
C VAL B 28 12.19 -0.34 9.73
N LEU B 29 11.85 0.78 9.10
CA LEU B 29 12.84 1.66 8.51
C LEU B 29 12.93 2.96 9.30
N ARG B 30 14.14 3.51 9.36
CA ARG B 30 14.39 4.79 10.00
C ARG B 30 14.58 5.74 8.82
N ILE B 31 13.74 6.75 8.73
CA ILE B 31 13.78 7.70 7.62
C ILE B 31 14.11 9.12 8.06
N ILE B 32 14.98 9.78 7.31
CA ILE B 32 15.34 11.16 7.56
C ILE B 32 15.11 11.89 6.25
N VAL B 33 14.46 13.05 6.31
CA VAL B 33 14.21 13.82 5.10
C VAL B 33 15.07 15.07 5.15
N GLU B 34 16.14 15.09 4.35
CA GLU B 34 17.05 16.23 4.32
C GLU B 34 16.61 17.25 3.28
N ASN B 35 17.16 18.45 3.36
CA ASN B 35 16.81 19.53 2.43
C ASN B 35 15.30 19.69 2.42
N LEU B 36 14.73 19.79 3.62
CA LEU B 36 13.28 19.93 3.78
C LEU B 36 12.84 21.35 3.43
N PHE B 37 12.62 21.59 2.14
CA PHE B 37 12.21 22.90 1.67
C PHE B 37 10.71 23.00 1.40
N TYR B 38 9.99 21.96 1.79
CA TYR B 38 8.54 21.88 1.66
C TYR B 38 8.14 20.88 2.73
N PRO B 39 7.06 21.16 3.47
CA PRO B 39 6.63 20.22 4.51
C PRO B 39 6.24 18.86 3.97
N VAL B 40 6.75 17.81 4.62
CA VAL B 40 6.44 16.43 4.23
C VAL B 40 5.50 15.89 5.29
N THR B 41 4.29 15.53 4.89
CA THR B 41 3.29 15.01 5.79
C THR B 41 3.38 13.50 5.96
N LEU B 42 2.71 12.99 6.98
CA LEU B 42 2.69 11.56 7.23
C LEU B 42 1.96 10.89 6.06
N ASP B 43 0.90 11.53 5.58
CA ASP B 43 0.14 10.97 4.46
C ASP B 43 1.01 10.79 3.22
N VAL B 44 1.88 11.75 2.94
CA VAL B 44 2.76 11.66 1.79
C VAL B 44 3.75 10.50 1.94
N LEU B 45 4.28 10.32 3.16
CA LEU B 45 5.21 9.23 3.39
C LEU B 45 4.49 7.90 3.14
N HIS B 46 3.23 7.82 3.60
CA HIS B 46 2.44 6.61 3.41
C HIS B 46 2.20 6.36 1.93
N GLN B 47 1.82 7.42 1.22
CA GLN B 47 1.55 7.34 -0.21
C GLN B 47 2.74 6.80 -0.99
N ILE B 48 3.93 7.28 -0.67
CA ILE B 48 5.13 6.85 -1.36
C ILE B 48 5.54 5.43 -0.98
N PHE B 49 5.78 5.20 0.31
CA PHE B 49 6.23 3.88 0.75
C PHE B 49 5.27 2.73 0.51
N SER B 50 3.98 3.03 0.36
CA SER B 50 3.00 1.97 0.11
C SER B 50 3.21 1.30 -1.24
N LYS B 51 3.93 1.95 -2.15
CA LYS B 51 4.12 1.37 -3.48
C LYS B 51 5.01 0.13 -3.46
N PHE B 52 5.58 -0.18 -2.30
CA PHE B 52 6.45 -1.34 -2.15
C PHE B 52 5.89 -2.39 -1.20
N GLY B 53 4.70 -2.14 -0.65
CA GLY B 53 4.12 -3.11 0.26
C GLY B 53 3.22 -2.50 1.30
N THR B 54 2.58 -3.35 2.09
CA THR B 54 1.67 -2.91 3.14
C THR B 54 2.41 -2.18 4.26
N VAL B 55 2.05 -0.91 4.46
CA VAL B 55 2.64 -0.11 5.53
C VAL B 55 1.69 -0.24 6.72
N LEU B 56 2.21 -0.77 7.82
CA LEU B 56 1.39 -0.97 9.02
C LEU B 56 1.30 0.24 9.92
N LYS B 57 2.42 0.90 10.17
CA LYS B 57 2.45 2.06 11.05
C LYS B 57 3.51 3.08 10.68
N ILE B 58 3.25 4.33 11.04
CA ILE B 58 4.21 5.41 10.79
C ILE B 58 4.21 6.37 11.98
N ILE B 59 5.40 6.80 12.39
CA ILE B 59 5.56 7.76 13.47
C ILE B 59 6.57 8.79 12.97
N THR B 60 6.20 10.07 13.01
CA THR B 60 7.12 11.12 12.57
C THR B 60 7.56 11.92 13.78
N PHE B 61 8.72 12.55 13.69
CA PHE B 61 9.25 13.35 14.80
C PHE B 61 10.46 14.17 14.36
N THR B 62 10.91 15.05 15.25
CA THR B 62 12.06 15.90 14.99
C THR B 62 13.08 15.66 16.09
N LYS B 63 14.29 15.24 15.71
CA LYS B 63 15.35 14.98 16.68
C LYS B 63 16.50 15.97 16.54
N ASN B 64 17.56 15.56 15.85
CA ASN B 64 18.72 16.42 15.65
C ASN B 64 18.40 17.56 14.67
N ASN B 65 17.37 18.33 15.00
CA ASN B 65 16.95 19.44 14.16
C ASN B 65 16.67 18.97 12.74
N GLN B 66 16.15 17.75 12.62
CA GLN B 66 15.84 17.17 11.32
C GLN B 66 14.54 16.38 11.36
N PHE B 67 13.80 16.39 10.26
CA PHE B 67 12.55 15.67 10.17
C PHE B 67 12.85 14.19 9.98
N GLN B 68 12.33 13.36 10.88
CA GLN B 68 12.56 11.93 10.81
C GLN B 68 11.27 11.15 10.99
N ALA B 69 11.33 9.86 10.68
CA ALA B 69 10.17 9.00 10.83
C ALA B 69 10.57 7.54 10.95
N LEU B 70 9.70 6.77 11.59
CA LEU B 70 9.89 5.34 11.74
C LEU B 70 8.69 4.77 10.98
N LEU B 71 8.96 3.83 10.08
CA LEU B 71 7.89 3.26 9.28
C LEU B 71 8.01 1.74 9.28
N GLN B 72 6.90 1.06 9.55
CA GLN B 72 6.90 -0.38 9.62
C GLN B 72 6.10 -1.05 8.51
N TYR B 73 6.77 -1.94 7.79
CA TYR B 73 6.16 -2.71 6.72
C TYR B 73 5.68 -4.04 7.29
N ALA B 74 4.76 -4.69 6.59
CA ALA B 74 4.25 -5.97 7.01
C ALA B 74 5.27 -7.05 6.71
N ASP B 75 6.04 -6.84 5.65
CA ASP B 75 7.05 -7.79 5.20
C ASP B 75 8.42 -7.15 5.08
N PRO B 76 9.46 -7.77 5.68
CA PRO B 76 10.81 -7.22 5.61
C PRO B 76 11.29 -7.05 4.17
N VAL B 77 10.81 -7.89 3.27
CA VAL B 77 11.20 -7.80 1.87
C VAL B 77 10.83 -6.43 1.31
N SER B 78 9.67 -5.92 1.72
CA SER B 78 9.24 -4.60 1.26
C SER B 78 10.17 -3.52 1.78
N ALA B 79 10.57 -3.65 3.05
CA ALA B 79 11.47 -2.68 3.68
C ALA B 79 12.79 -2.67 2.93
N GLN B 80 13.29 -3.85 2.58
CA GLN B 80 14.55 -3.98 1.86
C GLN B 80 14.47 -3.33 0.48
N HIS B 81 13.39 -3.61 -0.24
CA HIS B 81 13.22 -3.02 -1.57
C HIS B 81 13.10 -1.50 -1.48
N ALA B 82 12.35 -1.03 -0.51
CA ALA B 82 12.16 0.42 -0.32
C ALA B 82 13.49 1.11 -0.09
N LYS B 83 14.36 0.52 0.72
CA LYS B 83 15.67 1.12 0.98
C LYS B 83 16.50 1.16 -0.29
N LEU B 84 16.52 0.05 -1.02
CA LEU B 84 17.27 -0.03 -2.26
C LEU B 84 16.78 0.99 -3.29
N SER B 85 15.47 1.17 -3.36
CA SER B 85 14.88 2.07 -4.34
C SER B 85 14.78 3.55 -3.98
N LEU B 86 14.46 3.83 -2.72
CA LEU B 86 14.27 5.22 -2.28
C LEU B 86 15.41 5.93 -1.58
N ASP B 87 16.41 5.19 -1.11
CA ASP B 87 17.51 5.84 -0.41
C ASP B 87 18.20 6.84 -1.34
N GLY B 88 18.27 8.09 -0.92
CA GLY B 88 18.89 9.14 -1.72
C GLY B 88 17.98 9.81 -2.73
N GLN B 89 16.71 9.41 -2.78
CA GLN B 89 15.76 10.00 -3.73
C GLN B 89 14.97 11.18 -3.17
N ASN B 90 14.72 12.17 -4.01
CA ASN B 90 13.96 13.35 -3.61
C ASN B 90 12.46 13.09 -3.70
N ILE B 91 11.72 13.55 -2.69
CA ILE B 91 10.27 13.38 -2.67
C ILE B 91 9.66 14.33 -3.69
N TYR B 92 10.16 15.56 -3.71
CA TYR B 92 9.70 16.57 -4.65
C TYR B 92 10.91 17.07 -5.42
N ASN B 93 10.67 17.66 -6.58
CA ASN B 93 11.77 18.16 -7.40
C ASN B 93 12.59 19.20 -6.61
N ALA B 94 13.89 18.99 -6.57
CA ALA B 94 14.83 19.89 -5.91
C ALA B 94 14.84 19.92 -4.37
N CYS B 95 14.20 18.97 -3.70
CA CYS B 95 14.21 18.97 -2.24
C CYS B 95 13.82 17.66 -1.62
N CYS B 96 13.81 17.70 -0.30
CA CYS B 96 13.30 16.61 0.49
C CYS B 96 13.87 15.23 0.15
N THR B 97 15.18 15.09 0.36
CA THR B 97 15.90 13.87 0.07
C THR B 97 15.76 12.82 1.16
N LEU B 98 15.33 11.63 0.76
CA LEU B 98 15.14 10.53 1.68
C LEU B 98 16.46 9.86 2.04
N ARG B 99 16.68 9.68 3.34
CA ARG B 99 17.88 8.99 3.84
C ARG B 99 17.28 7.82 4.61
N ILE B 100 17.52 6.61 4.14
CA ILE B 100 16.93 5.42 4.72
C ILE B 100 17.89 4.38 5.27
N ASP B 101 17.59 3.89 6.46
CA ASP B 101 18.38 2.85 7.10
C ASP B 101 17.40 1.93 7.83
N PHE B 102 17.85 0.72 8.16
CA PHE B 102 17.01 -0.21 8.88
C PHE B 102 17.02 0.15 10.36
N SER B 103 15.85 0.07 10.99
CA SER B 103 15.74 0.37 12.42
C SER B 103 16.05 -0.92 13.19
N LYS B 104 16.52 -0.75 14.42
CA LYS B 104 16.83 -1.91 15.26
C LYS B 104 15.54 -2.45 15.88
N LEU B 105 14.48 -1.65 15.81
CA LEU B 105 13.18 -2.04 16.37
C LEU B 105 12.54 -3.13 15.51
N THR B 106 11.90 -4.08 16.17
CA THR B 106 11.24 -5.18 15.48
C THR B 106 9.80 -4.81 15.13
N SER B 107 9.30 -3.77 15.78
CA SER B 107 7.94 -3.31 15.55
C SER B 107 7.78 -1.90 16.12
N LEU B 108 6.61 -1.30 15.93
CA LEU B 108 6.35 0.04 16.44
C LEU B 108 5.08 0.10 17.26
N ASN B 109 5.09 0.92 18.31
CA ASN B 109 3.89 1.09 19.13
C ASN B 109 3.28 2.45 18.79
N VAL B 110 1.99 2.45 18.46
CA VAL B 110 1.29 3.68 18.13
C VAL B 110 0.03 3.81 18.99
N LYS B 111 -0.09 4.93 19.69
CA LYS B 111 -1.22 5.17 20.56
C LYS B 111 -2.37 5.90 19.87
N TYR B 112 -2.05 6.88 19.03
CA TYR B 112 -3.10 7.63 18.37
C TYR B 112 -2.89 7.85 16.87
N ASN B 113 -4.00 8.13 16.19
CA ASN B 113 -3.99 8.41 14.76
C ASN B 113 -4.14 9.91 14.56
N ASN B 114 -3.02 10.59 14.35
CA ASN B 114 -3.04 12.03 14.14
C ASN B 114 -2.03 12.41 13.07
N ASP B 115 -1.70 13.69 13.00
CA ASP B 115 -0.75 14.16 12.00
C ASP B 115 0.68 13.69 12.26
N LYS B 116 0.94 13.15 13.45
CA LYS B 116 2.28 12.69 13.80
C LYS B 116 2.46 11.18 13.92
N SER B 117 1.36 10.44 13.97
CA SER B 117 1.46 8.99 14.08
C SER B 117 0.21 8.37 13.49
N ARG B 118 0.35 7.15 12.96
CA ARG B 118 -0.79 6.48 12.36
C ARG B 118 -0.61 4.97 12.40
N ASP B 119 -1.68 4.27 12.76
CA ASP B 119 -1.68 2.81 12.80
C ASP B 119 -2.69 2.42 11.74
N TYR B 120 -2.20 1.94 10.61
CA TYR B 120 -3.07 1.57 9.51
C TYR B 120 -3.86 0.30 9.72
N THR B 121 -3.59 -0.40 10.82
CA THR B 121 -4.32 -1.64 11.11
C THR B 121 -5.46 -1.34 12.08
N ARG B 122 -5.49 -0.11 12.59
CA ARG B 122 -6.53 0.30 13.52
C ARG B 122 -7.01 1.72 13.20
N PRO B 123 -7.86 1.85 12.16
CA PRO B 123 -8.40 3.15 11.74
C PRO B 123 -9.31 3.84 12.75
N ASP B 124 -9.79 3.10 13.74
CA ASP B 124 -10.68 3.67 14.74
C ASP B 124 -9.94 4.24 15.96
N LEU B 125 -8.62 4.24 15.88
CA LEU B 125 -7.80 4.76 16.98
C LEU B 125 -8.05 6.26 17.08
N PRO B 126 -8.21 6.78 18.31
CA PRO B 126 -8.46 8.22 18.51
C PRO B 126 -7.26 9.08 18.16
N SER B 127 -7.51 10.38 17.96
CA SER B 127 -6.46 11.32 17.61
C SER B 127 -5.65 11.77 18.81
N GLY B 128 -6.14 11.48 20.01
CA GLY B 128 -5.44 11.89 21.21
C GLY B 128 -6.40 12.32 22.29
N ASP B 129 -5.88 13.05 23.27
CA ASP B 129 -6.69 13.55 24.39
C ASP B 129 -7.86 12.65 24.74
N SER C 6 -16.92 -19.36 7.82
CA SER C 6 -16.45 -17.97 7.54
C SER C 6 -14.95 -17.82 7.82
N GLU C 7 -14.21 -18.91 7.65
CA GLU C 7 -12.77 -18.90 7.87
C GLU C 7 -12.13 -18.01 6.80
N GLY C 8 -10.93 -17.54 7.05
CA GLY C 8 -10.26 -16.67 6.09
C GLY C 8 -9.12 -17.29 5.32
N LEU C 9 -8.70 -16.61 4.26
CA LEU C 9 -7.60 -17.07 3.41
C LEU C 9 -6.26 -16.82 4.12
N LEU C 10 -6.21 -15.74 4.87
CA LEU C 10 -4.99 -15.36 5.59
C LEU C 10 -5.27 -15.21 7.08
N GLY C 11 -4.22 -15.24 7.90
CA GLY C 11 -4.41 -15.10 9.34
C GLY C 11 -4.15 -13.70 9.84
N LEU C 12 -4.59 -13.41 11.05
CA LEU C 12 -4.40 -12.10 11.68
C LEU C 12 -3.56 -12.22 12.95
N SER D 6 17.50 13.83 -10.18
CA SER D 6 16.96 14.12 -8.82
C SER D 6 15.51 14.60 -8.89
N GLU D 7 14.75 14.02 -9.82
CA GLU D 7 13.35 14.38 -9.99
C GLU D 7 12.56 14.04 -8.73
N GLY D 8 11.28 14.38 -8.72
CA GLY D 8 10.46 14.10 -7.55
C GLY D 8 9.60 12.87 -7.67
N LEU D 9 9.43 12.16 -6.56
CA LEU D 9 8.60 10.96 -6.53
C LEU D 9 7.16 11.42 -6.69
N LEU D 10 6.89 12.64 -6.24
CA LEU D 10 5.56 13.24 -6.33
C LEU D 10 5.62 14.55 -7.11
N GLY D 11 4.47 14.96 -7.63
CA GLY D 11 4.41 16.21 -8.37
C GLY D 11 4.10 17.34 -7.42
N LEU D 12 4.72 18.49 -7.63
CA LEU D 12 4.49 19.64 -6.77
C LEU D 12 3.75 20.75 -7.50
I IOD E . -18.32 -3.82 -16.70
I IOD F . -16.19 -2.47 -14.35
I IOD G . -4.14 5.74 -10.86
I IOD H . -15.96 0.17 -12.36
I IOD I . 6.77 24.20 -7.54
#